data_4XTX
#
_entry.id   4XTX
#
_cell.length_a   63.367
_cell.length_b   68.841
_cell.length_c   114.452
_cell.angle_alpha   90.0
_cell.angle_beta   90.0
_cell.angle_gamma   90.0
#
_symmetry.space_group_name_H-M   'P 21 21 21'
#
loop_
_entity.id
_entity.type
_entity.pdbx_description
1 polymer 'Bifunctional ligase/repressor BirA'
2 non-polymer 9-[2-azido-2-deoxy-5-O-({5-[(3aS,4S,6aR)-2-oxohexahydro-1H-thieno[3,4-d]imidazol-4-yl]pentanoyl}sulfamoyl)-beta-D-arabinofuranosyl]-9H-purin-6-amine
3 non-polymer 1,2-ETHANEDIOL
4 water water
#
_entity_poly.entity_id   1
_entity_poly.type   'polypeptide(L)'
_entity_poly.pdbx_seq_one_letter_code
;GSHMVTDRDRLRPPLDERSLRDQLIGAGSGWRQLDVVAQTGSTNADLLARAASGADIDGVVLIAEHQTAGRGRHGRGWAA
TARAQIILSVGVRVVDVPVQAWGWLSLAAGLAVLDSVAPLIAVPPAETGLKWPNDVLARGGKLAGILAEVAQPFVVLGVG
LNVTQAPEEVDPDATSLLDLGVAAPDRNRIASRLLRELEARIIQWRNANPQLAADYRARSLTIGSRVRVELPGGQDVVGI
ARDIDDQGRLCLDVGGRTVVVSAGDVVHLR
;
_entity_poly.pdbx_strand_id   A,B
#
# COMPACT_ATOMS: atom_id res chain seq x y z
N VAL A 5 7.12 -19.38 38.32
CA VAL A 5 7.21 -19.61 39.76
C VAL A 5 7.21 -21.12 40.00
N THR A 6 7.53 -21.52 41.23
CA THR A 6 7.59 -22.92 41.63
C THR A 6 6.30 -23.69 41.35
N ASP A 7 5.17 -23.08 41.71
CA ASP A 7 3.88 -23.77 41.62
C ASP A 7 3.38 -23.98 40.19
N ARG A 8 3.91 -23.20 39.25
CA ARG A 8 3.46 -23.32 37.86
C ARG A 8 4.05 -24.58 37.19
N ASP A 9 5.18 -25.08 37.72
CA ASP A 9 5.78 -26.32 37.22
C ASP A 9 4.76 -27.43 37.34
N ARG A 10 4.11 -27.52 38.50
CA ARG A 10 3.14 -28.58 38.76
C ARG A 10 2.00 -28.57 37.74
N LEU A 11 1.84 -27.44 37.06
CA LEU A 11 0.87 -27.30 35.98
C LEU A 11 1.54 -27.50 34.63
N ARG A 12 2.75 -28.05 34.63
CA ARG A 12 3.51 -28.25 33.40
C ARG A 12 4.03 -29.68 33.24
N PRO A 13 3.13 -30.64 32.97
CA PRO A 13 3.60 -31.99 32.64
C PRO A 13 4.24 -32.01 31.25
N PRO A 14 5.08 -33.02 30.96
CA PRO A 14 5.73 -33.08 29.64
C PRO A 14 4.74 -33.38 28.53
N LEU A 15 5.08 -32.97 27.31
CA LEU A 15 4.28 -33.31 26.14
C LEU A 15 4.42 -34.79 25.81
N ASP A 16 3.30 -35.44 25.51
CA ASP A 16 3.31 -36.83 25.09
C ASP A 16 3.52 -36.92 23.59
N GLU A 17 4.75 -37.23 23.18
CA GLU A 17 5.10 -37.29 21.76
C GLU A 17 4.35 -38.40 21.03
N ARG A 18 4.32 -39.59 21.64
CA ARG A 18 3.67 -40.74 21.03
C ARG A 18 2.18 -40.50 20.81
N SER A 19 1.54 -39.85 21.78
CA SER A 19 0.12 -39.56 21.68
C SER A 19 -0.17 -38.54 20.58
N LEU A 20 0.68 -37.52 20.47
CA LEU A 20 0.53 -36.49 19.44
C LEU A 20 0.70 -37.07 18.03
N ARG A 21 1.62 -38.02 17.89
CA ARG A 21 1.84 -38.69 16.61
C ARG A 21 0.62 -39.52 16.20
N ASP A 22 0.01 -40.19 17.18
CA ASP A 22 -1.16 -41.02 16.92
C ASP A 22 -2.35 -40.21 16.42
N GLN A 23 -2.46 -38.97 16.88
CA GLN A 23 -3.59 -38.13 16.52
C GLN A 23 -3.36 -37.36 15.22
N LEU A 24 -2.11 -37.01 14.95
CA LEU A 24 -1.80 -36.03 13.93
C LEU A 24 -1.13 -36.60 12.68
N ILE A 25 -0.54 -37.79 12.80
CA ILE A 25 0.13 -38.41 11.66
C ILE A 25 -0.59 -39.67 11.22
N GLY A 26 -0.90 -39.75 9.94
CA GLY A 26 -1.58 -40.90 9.38
C GLY A 26 -2.53 -40.52 8.26
N ALA A 27 -3.44 -41.44 7.93
CA ALA A 27 -4.40 -41.22 6.85
C ALA A 27 -5.33 -40.05 7.15
N GLY A 28 -5.49 -39.16 6.18
CA GLY A 28 -6.37 -38.02 6.32
C GLY A 28 -5.64 -36.77 6.80
N SER A 29 -4.40 -36.95 7.24
CA SER A 29 -3.61 -35.84 7.78
C SER A 29 -2.50 -35.43 6.82
N GLY A 30 -2.18 -34.14 6.83
CA GLY A 30 -1.15 -33.61 5.97
C GLY A 30 0.23 -33.62 6.61
N TRP A 31 0.27 -33.83 7.93
CA TRP A 31 1.54 -33.85 8.65
C TRP A 31 2.26 -35.16 8.44
N ARG A 32 3.51 -35.09 8.00
CA ARG A 32 4.29 -36.27 7.70
C ARG A 32 5.16 -36.72 8.88
N GLN A 33 5.60 -35.75 9.67
CA GLN A 33 6.56 -36.05 10.73
C GLN A 33 6.40 -35.09 11.92
N LEU A 34 6.44 -35.65 13.12
CA LEU A 34 6.37 -34.86 14.34
C LEU A 34 7.41 -35.32 15.35
N ASP A 35 8.16 -34.37 15.89
CA ASP A 35 9.16 -34.67 16.91
C ASP A 35 9.08 -33.70 18.07
N VAL A 36 9.25 -34.22 19.28
CA VAL A 36 9.32 -33.38 20.47
C VAL A 36 10.71 -33.48 21.09
N VAL A 37 11.43 -32.37 21.09
CA VAL A 37 12.76 -32.32 21.68
C VAL A 37 12.69 -31.65 23.05
N ALA A 38 13.62 -32.02 23.94
CA ALA A 38 13.63 -31.50 25.29
C ALA A 38 14.01 -30.01 25.31
N GLN A 39 14.96 -29.65 24.46
CA GLN A 39 15.48 -28.28 24.42
C GLN A 39 16.24 -28.01 23.13
N THR A 40 16.09 -26.79 22.61
CA THR A 40 16.86 -26.36 21.44
C THR A 40 17.06 -24.86 21.46
N GLY A 41 17.90 -24.36 20.56
CA GLY A 41 18.13 -22.93 20.45
C GLY A 41 16.90 -22.25 19.86
N SER A 42 16.47 -22.73 18.70
CA SER A 42 15.29 -22.20 18.03
C SER A 42 14.71 -23.25 17.09
N THR A 43 13.42 -23.53 17.24
CA THR A 43 12.77 -24.54 16.40
C THR A 43 12.72 -24.06 14.94
N ASN A 44 12.58 -22.75 14.75
CA ASN A 44 12.64 -22.18 13.42
C ASN A 44 14.01 -22.41 12.79
N ALA A 45 15.06 -22.11 13.55
CA ALA A 45 16.43 -22.27 13.07
C ALA A 45 16.73 -23.72 12.70
N ASP A 46 16.19 -24.64 13.47
CA ASP A 46 16.44 -26.07 13.25
C ASP A 46 15.84 -26.56 11.94
N LEU A 47 14.59 -26.18 11.68
CA LEU A 47 13.92 -26.58 10.43
C LEU A 47 14.53 -25.85 9.24
N LEU A 48 15.03 -24.64 9.48
CA LEU A 48 15.72 -23.88 8.43
C LEU A 48 17.01 -24.59 8.06
N ALA A 49 17.71 -25.12 9.06
CA ALA A 49 18.95 -25.84 8.84
C ALA A 49 18.71 -27.15 8.08
N ARG A 50 17.61 -27.82 8.39
CA ARG A 50 17.23 -29.05 7.70
C ARG A 50 17.02 -28.81 6.21
N ALA A 51 16.24 -27.77 5.92
CA ALA A 51 15.93 -27.40 4.54
C ALA A 51 17.19 -27.00 3.79
N ALA A 52 18.11 -26.34 4.49
CA ALA A 52 19.35 -25.88 3.90
C ALA A 52 20.24 -27.06 3.51
N SER A 53 20.01 -28.22 4.13
CA SER A 53 20.81 -29.41 3.87
C SER A 53 20.09 -30.39 2.95
N GLY A 54 18.97 -29.96 2.37
CA GLY A 54 18.31 -30.76 1.35
C GLY A 54 17.06 -31.50 1.80
N ALA A 55 16.76 -31.44 3.09
CA ALA A 55 15.60 -32.15 3.63
C ALA A 55 14.29 -31.55 3.12
N ASP A 56 13.30 -32.40 2.90
CA ASP A 56 11.95 -31.94 2.59
C ASP A 56 11.20 -31.73 3.90
N ILE A 57 11.03 -30.47 4.28
CA ILE A 57 10.41 -30.16 5.57
C ILE A 57 8.91 -29.88 5.45
N ASP A 58 8.36 -30.08 4.25
CA ASP A 58 6.95 -29.85 4.02
C ASP A 58 6.09 -30.83 4.82
N GLY A 59 5.30 -30.31 5.75
CA GLY A 59 4.45 -31.14 6.58
C GLY A 59 5.18 -31.70 7.79
N VAL A 60 6.35 -31.14 8.08
CA VAL A 60 7.16 -31.60 9.21
C VAL A 60 6.96 -30.69 10.43
N VAL A 61 6.71 -31.29 11.58
CA VAL A 61 6.47 -30.55 12.81
C VAL A 61 7.59 -30.76 13.82
N LEU A 62 8.12 -29.68 14.36
CA LEU A 62 9.12 -29.75 15.42
C LEU A 62 8.66 -28.99 16.64
N ILE A 63 8.55 -29.68 17.78
CA ILE A 63 8.11 -29.06 19.02
C ILE A 63 9.20 -29.15 20.08
N ALA A 64 9.41 -28.05 20.81
CA ALA A 64 10.41 -28.03 21.87
C ALA A 64 9.79 -27.68 23.21
N GLU A 65 10.19 -28.40 24.25
CA GLU A 65 9.73 -28.12 25.60
C GLU A 65 10.35 -26.82 26.11
N HIS A 66 11.57 -26.54 25.64
CA HIS A 66 12.28 -25.34 26.04
C HIS A 66 13.08 -24.76 24.88
N GLN A 67 13.14 -23.44 24.80
CA GLN A 67 13.84 -22.76 23.73
C GLN A 67 14.75 -21.68 24.29
N THR A 68 16.06 -21.82 24.06
CA THR A 68 17.05 -20.98 24.73
C THR A 68 17.49 -19.77 23.91
N ALA A 69 17.31 -19.81 22.60
CA ALA A 69 17.69 -18.69 21.74
C ALA A 69 16.57 -18.34 20.76
N GLY A 70 15.35 -18.24 21.27
CA GLY A 70 14.18 -17.98 20.45
C GLY A 70 14.24 -16.70 19.64
N ARG A 71 13.69 -16.75 18.43
CA ARG A 71 13.70 -15.60 17.54
C ARG A 71 12.36 -14.88 17.50
N GLY A 72 12.41 -13.57 17.37
CA GLY A 72 11.22 -12.77 17.14
C GLY A 72 11.32 -12.11 15.78
N ARG A 73 10.38 -11.24 15.46
CA ARG A 73 10.44 -10.50 14.20
C ARG A 73 11.45 -9.36 14.30
N HIS A 74 11.94 -8.92 13.15
CA HIS A 74 12.84 -7.76 13.06
C HIS A 74 14.11 -7.92 13.89
N GLY A 75 14.61 -9.15 13.96
CA GLY A 75 15.84 -9.43 14.68
C GLY A 75 15.71 -9.37 16.19
N ARG A 76 14.49 -9.49 16.69
CA ARG A 76 14.26 -9.49 18.13
C ARG A 76 14.25 -10.91 18.68
N GLY A 77 14.04 -11.04 19.98
CA GLY A 77 14.08 -12.33 20.63
C GLY A 77 12.73 -12.82 21.14
N TRP A 78 12.68 -14.07 21.55
CA TRP A 78 11.48 -14.65 22.13
C TRP A 78 11.84 -15.45 23.37
N ALA A 79 11.34 -15.00 24.52
CA ALA A 79 11.69 -15.63 25.79
C ALA A 79 10.71 -16.74 26.15
N ALA A 80 11.21 -17.75 26.87
CA ALA A 80 10.39 -18.88 27.27
C ALA A 80 11.06 -19.68 28.38
N THR A 81 10.24 -20.17 29.31
CA THR A 81 10.74 -21.09 30.33
C THR A 81 10.21 -22.50 30.02
N ALA A 82 10.91 -23.51 30.53
CA ALA A 82 10.63 -24.90 30.17
C ALA A 82 9.18 -25.31 30.40
N ARG A 83 8.59 -25.89 29.36
CA ARG A 83 7.25 -26.48 29.40
C ARG A 83 6.14 -25.48 29.76
N ALA A 84 6.45 -24.19 29.64
CA ALA A 84 5.47 -23.14 29.96
C ALA A 84 4.71 -22.70 28.72
N GLN A 85 5.23 -23.08 27.55
CA GLN A 85 4.61 -22.70 26.28
C GLN A 85 4.42 -23.89 25.35
N ILE A 86 3.65 -23.66 24.30
CA ILE A 86 3.68 -24.55 23.14
C ILE A 86 4.60 -23.90 22.12
N ILE A 87 5.76 -24.53 21.91
CA ILE A 87 6.78 -23.98 21.04
C ILE A 87 7.02 -24.91 19.85
N LEU A 88 6.55 -24.51 18.68
CA LEU A 88 6.67 -25.38 17.51
C LEU A 88 6.96 -24.63 16.22
N SER A 89 7.53 -25.36 15.27
CA SER A 89 7.74 -24.87 13.91
C SER A 89 7.28 -25.92 12.91
N VAL A 90 6.63 -25.47 11.84
CA VAL A 90 6.22 -26.37 10.77
C VAL A 90 6.79 -25.91 9.44
N GLY A 91 6.97 -26.85 8.53
CA GLY A 91 7.47 -26.54 7.20
C GLY A 91 6.36 -26.55 6.17
N VAL A 92 6.34 -25.53 5.32
CA VAL A 92 5.33 -25.42 4.28
C VAL A 92 5.98 -25.16 2.92
N ARG A 93 5.65 -25.98 1.93
CA ARG A 93 6.11 -25.76 0.56
C ARG A 93 5.30 -24.64 -0.08
N VAL A 94 5.98 -23.58 -0.50
CA VAL A 94 5.29 -22.38 -0.97
C VAL A 94 5.63 -21.99 -2.41
N VAL A 95 6.58 -22.69 -3.01
CA VAL A 95 7.09 -22.33 -4.33
C VAL A 95 6.01 -22.42 -5.42
N ASP A 96 5.00 -23.24 -5.18
CA ASP A 96 3.90 -23.39 -6.13
C ASP A 96 2.90 -22.24 -6.04
N VAL A 97 3.09 -21.37 -5.05
CA VAL A 97 2.19 -20.25 -4.82
C VAL A 97 2.90 -18.93 -5.13
N PRO A 98 2.20 -18.02 -5.84
CA PRO A 98 2.72 -16.67 -6.14
C PRO A 98 3.29 -15.98 -4.90
N VAL A 99 4.45 -15.35 -5.06
CA VAL A 99 5.17 -14.76 -3.94
C VAL A 99 4.36 -13.67 -3.24
N GLN A 100 3.52 -12.98 -4.01
CA GLN A 100 2.70 -11.89 -3.47
C GLN A 100 1.66 -12.38 -2.46
N ALA A 101 1.42 -13.69 -2.45
CA ALA A 101 0.41 -14.27 -1.57
C ALA A 101 1.03 -14.86 -0.30
N TRP A 102 2.36 -14.86 -0.23
CA TRP A 102 3.06 -15.50 0.88
C TRP A 102 2.78 -14.82 2.21
N GLY A 103 2.46 -13.53 2.18
CA GLY A 103 2.18 -12.79 3.39
C GLY A 103 0.95 -13.31 4.12
N TRP A 104 0.05 -13.94 3.39
CA TRP A 104 -1.19 -14.46 3.97
C TRP A 104 -0.96 -15.74 4.77
N LEU A 105 0.15 -16.41 4.52
CA LEU A 105 0.48 -17.64 5.25
C LEU A 105 0.68 -17.35 6.74
N SER A 106 1.28 -16.20 7.03
CA SER A 106 1.52 -15.78 8.40
C SER A 106 0.21 -15.41 9.11
N LEU A 107 -0.67 -14.73 8.38
CA LEU A 107 -1.96 -14.33 8.93
C LEU A 107 -2.83 -15.55 9.20
N ALA A 108 -2.76 -16.52 8.29
CA ALA A 108 -3.52 -17.76 8.44
C ALA A 108 -3.06 -18.54 9.67
N ALA A 109 -1.77 -18.44 9.96
CA ALA A 109 -1.19 -19.12 11.12
C ALA A 109 -1.73 -18.56 12.43
N GLY A 110 -1.80 -17.23 12.52
CA GLY A 110 -2.32 -16.59 13.71
C GLY A 110 -3.80 -16.88 13.87
N LEU A 111 -4.47 -17.05 12.75
CA LEU A 111 -5.89 -17.37 12.74
C LEU A 111 -6.13 -18.75 13.33
N ALA A 112 -5.22 -19.69 13.03
CA ALA A 112 -5.33 -21.06 13.53
C ALA A 112 -5.02 -21.12 15.03
N VAL A 113 -4.02 -20.36 15.46
CA VAL A 113 -3.65 -20.32 16.87
C VAL A 113 -4.79 -19.75 17.71
N LEU A 114 -5.37 -18.67 17.24
CA LEU A 114 -6.49 -18.03 17.94
C LEU A 114 -7.66 -18.99 18.11
N ASP A 115 -8.06 -19.65 17.02
CA ASP A 115 -9.20 -20.55 17.04
C ASP A 115 -8.99 -21.76 17.95
N SER A 116 -7.74 -22.11 18.20
CA SER A 116 -7.41 -23.27 19.01
C SER A 116 -7.56 -23.02 20.50
N VAL A 117 -7.47 -21.75 20.91
CA VAL A 117 -7.52 -21.40 22.33
C VAL A 117 -8.70 -20.48 22.67
N ALA A 118 -9.36 -19.94 21.65
CA ALA A 118 -10.48 -19.02 21.85
C ALA A 118 -11.60 -19.56 22.75
N PRO A 119 -12.03 -20.82 22.56
CA PRO A 119 -13.11 -21.27 23.44
C PRO A 119 -12.69 -21.44 24.90
N LEU A 120 -11.41 -21.66 25.15
CA LEU A 120 -10.91 -21.92 26.49
C LEU A 120 -10.96 -20.70 27.41
N ILE A 121 -10.92 -19.51 26.82
CA ILE A 121 -10.84 -18.29 27.61
C ILE A 121 -12.22 -17.65 27.82
N ALA A 122 -12.41 -17.03 28.98
CA ALA A 122 -13.68 -16.38 29.32
C ALA A 122 -13.52 -14.87 29.29
N VAL A 123 -13.34 -14.34 28.09
CA VAL A 123 -13.15 -12.90 27.90
C VAL A 123 -14.15 -12.42 26.84
N PRO A 124 -14.75 -11.24 27.05
CA PRO A 124 -15.64 -10.68 26.02
C PRO A 124 -14.97 -10.62 24.65
N PRO A 125 -15.68 -11.07 23.60
CA PRO A 125 -15.16 -11.23 22.24
C PRO A 125 -14.47 -9.99 21.67
N ALA A 126 -14.84 -8.81 22.16
CA ALA A 126 -14.34 -7.55 21.60
C ALA A 126 -12.89 -7.28 21.95
N GLU A 127 -12.33 -8.04 22.88
CA GLU A 127 -10.94 -7.84 23.29
C GLU A 127 -10.11 -9.11 23.14
N THR A 128 -10.59 -10.03 22.30
CA THR A 128 -9.84 -11.22 21.95
C THR A 128 -9.80 -11.40 20.45
N GLY A 129 -8.59 -11.43 19.88
CA GLY A 129 -8.45 -11.58 18.45
C GLY A 129 -7.03 -11.37 17.97
N LEU A 130 -6.89 -10.97 16.72
CA LEU A 130 -5.59 -10.83 16.09
C LEU A 130 -5.19 -9.37 15.92
N LYS A 131 -4.00 -9.02 16.40
CA LYS A 131 -3.41 -7.73 16.09
C LYS A 131 -2.47 -7.90 14.90
N TRP A 132 -2.62 -7.05 13.90
CA TRP A 132 -1.80 -7.14 12.69
C TRP A 132 -0.32 -7.02 13.03
N PRO A 133 0.52 -7.90 12.47
CA PRO A 133 0.18 -8.95 11.50
C PRO A 133 -0.59 -10.12 12.10
N ASN A 134 0.04 -10.87 13.01
CA ASN A 134 -0.56 -12.08 13.54
C ASN A 134 -0.38 -12.28 15.04
N ASP A 135 -0.24 -11.19 15.79
CA ASP A 135 -0.16 -11.28 17.24
C ASP A 135 -1.50 -11.71 17.81
N VAL A 136 -1.50 -12.75 18.64
CA VAL A 136 -2.73 -13.19 19.29
C VAL A 136 -2.90 -12.44 20.61
N LEU A 137 -3.95 -11.63 20.68
CA LEU A 137 -4.19 -10.80 21.85
C LEU A 137 -5.42 -11.25 22.63
N ALA A 138 -5.33 -11.16 23.95
CA ALA A 138 -6.46 -11.41 24.82
C ALA A 138 -6.38 -10.49 26.03
N ARG A 139 -7.41 -9.65 26.18
CA ARG A 139 -7.48 -8.67 27.26
C ARG A 139 -6.25 -7.75 27.24
N GLY A 140 -5.81 -7.38 26.05
CA GLY A 140 -4.70 -6.46 25.89
C GLY A 140 -3.32 -7.08 25.96
N GLY A 141 -3.26 -8.32 26.42
CA GLY A 141 -1.98 -9.01 26.56
C GLY A 141 -1.64 -9.87 25.35
N LYS A 142 -0.35 -10.00 25.05
CA LYS A 142 0.09 -10.81 23.92
C LYS A 142 0.13 -12.28 24.30
N LEU A 143 -0.82 -13.05 23.76
CA LEU A 143 -0.96 -14.46 24.11
C LEU A 143 -0.04 -15.35 23.28
N ALA A 144 0.22 -14.94 22.04
CA ALA A 144 1.06 -15.73 21.15
C ALA A 144 1.73 -14.88 20.08
N GLY A 145 2.90 -15.31 19.64
CA GLY A 145 3.62 -14.64 18.57
C GLY A 145 3.95 -15.61 17.44
N ILE A 146 3.87 -15.11 16.21
CA ILE A 146 4.11 -15.94 15.03
C ILE A 146 5.28 -15.39 14.21
N LEU A 147 6.15 -16.28 13.73
CA LEU A 147 7.29 -15.89 12.91
C LEU A 147 7.43 -16.76 11.66
N ALA A 148 7.46 -16.11 10.50
CA ALA A 148 7.63 -16.82 9.24
C ALA A 148 8.98 -16.49 8.61
N GLU A 149 9.74 -17.53 8.27
CA GLU A 149 11.05 -17.34 7.66
C GLU A 149 11.18 -18.16 6.39
N VAL A 150 11.82 -17.58 5.38
CA VAL A 150 11.90 -18.20 4.07
C VAL A 150 13.13 -19.07 3.88
N ALA A 151 12.92 -20.28 3.39
CA ALA A 151 14.00 -21.18 2.98
C ALA A 151 13.54 -21.97 1.77
N GLN A 152 13.68 -21.36 0.59
CA GLN A 152 13.17 -21.91 -0.66
C GLN A 152 13.55 -23.38 -0.86
N PRO A 153 12.58 -24.19 -1.28
CA PRO A 153 11.21 -23.79 -1.64
C PRO A 153 10.23 -23.77 -0.47
N PHE A 154 10.72 -23.58 0.75
CA PHE A 154 9.85 -23.66 1.93
C PHE A 154 9.75 -22.37 2.71
N VAL A 155 8.66 -22.26 3.48
CA VAL A 155 8.55 -21.24 4.51
C VAL A 155 8.42 -21.95 5.86
N VAL A 156 9.29 -21.60 6.80
CA VAL A 156 9.22 -22.16 8.14
C VAL A 156 8.32 -21.30 9.02
N LEU A 157 7.25 -21.92 9.52
CA LEU A 157 6.26 -21.20 10.30
C LEU A 157 6.42 -21.50 11.79
N GLY A 158 6.71 -20.47 12.58
CA GLY A 158 6.96 -20.64 14.00
C GLY A 158 5.87 -20.07 14.90
N VAL A 159 5.50 -20.84 15.92
CA VAL A 159 4.46 -20.41 16.85
C VAL A 159 4.91 -20.53 18.30
N GLY A 160 4.86 -19.42 19.02
CA GLY A 160 5.12 -19.42 20.45
C GLY A 160 3.84 -19.05 21.18
N LEU A 161 3.29 -19.98 21.94
CA LEU A 161 2.02 -19.78 22.62
C LEU A 161 2.13 -19.92 24.14
N ASN A 162 1.90 -18.83 24.86
CA ASN A 162 2.00 -18.84 26.32
C ASN A 162 0.86 -19.60 26.98
N VAL A 163 1.16 -20.78 27.50
CA VAL A 163 0.15 -21.62 28.13
C VAL A 163 0.06 -21.33 29.63
N THR A 164 1.17 -21.53 30.34
CA THR A 164 1.26 -21.22 31.76
C THR A 164 2.39 -20.22 32.01
N GLN A 165 2.87 -19.61 30.95
CA GLN A 165 4.00 -18.70 31.02
C GLN A 165 3.68 -17.45 31.85
N ALA A 166 4.52 -17.17 32.85
CA ALA A 166 4.34 -15.99 33.68
C ALA A 166 4.89 -14.76 32.95
N PRO A 167 4.07 -13.71 32.82
CA PRO A 167 4.44 -12.47 32.13
C PRO A 167 5.72 -11.85 32.67
N GLU A 168 5.92 -11.94 33.98
CA GLU A 168 7.09 -11.35 34.62
C GLU A 168 8.39 -12.02 34.17
N GLU A 169 8.29 -13.21 33.61
CA GLU A 169 9.46 -13.97 33.18
C GLU A 169 9.78 -13.76 31.70
N VAL A 170 8.89 -13.11 30.97
CA VAL A 170 9.10 -12.92 29.54
C VAL A 170 8.89 -11.47 29.07
N ASP A 171 7.79 -10.84 29.49
CA ASP A 171 7.43 -9.51 29.02
C ASP A 171 6.23 -8.95 29.78
N PRO A 172 6.28 -7.65 30.12
CA PRO A 172 5.18 -7.02 30.86
C PRO A 172 3.85 -7.02 30.10
N ASP A 173 3.91 -6.95 28.77
CA ASP A 173 2.70 -6.92 27.95
C ASP A 173 2.21 -8.32 27.60
N ALA A 174 2.82 -9.34 28.20
CA ALA A 174 2.48 -10.72 27.90
C ALA A 174 1.31 -11.23 28.74
N THR A 175 0.67 -12.29 28.26
CA THR A 175 -0.36 -12.98 29.02
C THR A 175 -0.35 -14.46 28.66
N SER A 176 -1.00 -15.28 29.48
CA SER A 176 -1.08 -16.71 29.20
C SER A 176 -2.49 -17.22 29.47
N LEU A 177 -2.76 -18.45 29.06
CA LEU A 177 -4.05 -19.06 29.30
C LEU A 177 -4.33 -19.13 30.80
N LEU A 178 -3.30 -19.40 31.59
CA LEU A 178 -3.42 -19.47 33.04
C LEU A 178 -3.78 -18.12 33.64
N ASP A 179 -3.15 -17.06 33.13
CA ASP A 179 -3.42 -15.71 33.60
C ASP A 179 -4.74 -15.17 33.08
N LEU A 180 -5.34 -15.90 32.14
CA LEU A 180 -6.63 -15.51 31.58
C LEU A 180 -7.78 -16.24 32.26
N GLY A 181 -7.45 -17.16 33.17
CA GLY A 181 -8.45 -17.85 33.94
C GLY A 181 -8.48 -19.36 33.79
N VAL A 182 -7.85 -19.86 32.72
CA VAL A 182 -7.81 -21.30 32.48
C VAL A 182 -6.96 -21.99 33.55
N ALA A 183 -7.60 -22.77 34.40
CA ALA A 183 -6.96 -23.33 35.59
C ALA A 183 -5.86 -24.35 35.25
N ALA A 184 -6.25 -25.46 34.62
CA ALA A 184 -5.30 -26.52 34.31
C ALA A 184 -5.28 -26.82 32.81
N PRO A 185 -4.59 -25.96 32.03
CA PRO A 185 -4.53 -26.13 30.57
C PRO A 185 -3.74 -27.37 30.17
N ASP A 186 -4.31 -28.18 29.29
CA ASP A 186 -3.66 -29.38 28.78
C ASP A 186 -2.95 -29.10 27.46
N ARG A 187 -1.64 -28.99 27.51
CA ARG A 187 -0.86 -28.67 26.30
C ARG A 187 -1.02 -29.72 25.22
N ASN A 188 -1.25 -30.98 25.61
CA ASN A 188 -1.45 -32.04 24.64
C ASN A 188 -2.73 -31.85 23.83
N ARG A 189 -3.80 -31.44 24.49
CA ARG A 189 -5.05 -31.17 23.79
C ARG A 189 -4.91 -29.94 22.90
N ILE A 190 -4.29 -28.90 23.43
CA ILE A 190 -4.16 -27.63 22.72
C ILE A 190 -3.26 -27.75 21.49
N ALA A 191 -2.14 -28.46 21.64
CA ALA A 191 -1.22 -28.66 20.53
C ALA A 191 -1.88 -29.43 19.39
N SER A 192 -2.63 -30.46 19.76
CA SER A 192 -3.36 -31.28 18.80
C SER A 192 -4.42 -30.45 18.08
N ARG A 193 -5.14 -29.63 18.84
CA ARG A 193 -6.17 -28.77 18.27
C ARG A 193 -5.55 -27.67 17.41
N LEU A 194 -4.38 -27.20 17.81
CA LEU A 194 -3.66 -26.15 17.08
C LEU A 194 -3.21 -26.66 15.71
N LEU A 195 -2.58 -27.83 15.68
CA LEU A 195 -1.98 -28.36 14.46
C LEU A 195 -3.03 -28.83 13.46
N ARG A 196 -4.22 -29.17 13.93
CA ARG A 196 -5.31 -29.53 13.04
C ARG A 196 -5.95 -28.27 12.43
N GLU A 197 -6.07 -27.22 13.24
CA GLU A 197 -6.53 -25.93 12.74
C GLU A 197 -5.52 -25.37 11.74
N LEU A 198 -4.24 -25.54 12.06
CA LEU A 198 -3.17 -25.03 11.22
C LEU A 198 -3.16 -25.72 9.87
N GLU A 199 -3.40 -27.03 9.87
CA GLU A 199 -3.48 -27.81 8.63
C GLU A 199 -4.58 -27.27 7.72
N ALA A 200 -5.72 -26.96 8.31
CA ALA A 200 -6.86 -26.46 7.56
C ALA A 200 -6.56 -25.09 6.92
N ARG A 201 -5.97 -24.20 7.70
CA ARG A 201 -5.68 -22.85 7.23
C ARG A 201 -4.62 -22.82 6.12
N ILE A 202 -3.64 -23.72 6.22
CA ILE A 202 -2.59 -23.81 5.20
C ILE A 202 -3.19 -24.24 3.86
N ILE A 203 -4.08 -25.24 3.92
CA ILE A 203 -4.77 -25.71 2.74
C ILE A 203 -5.63 -24.60 2.13
N GLN A 204 -6.29 -23.82 2.99
CA GLN A 204 -7.09 -22.68 2.54
C GLN A 204 -6.22 -21.62 1.87
N TRP A 205 -5.07 -21.33 2.47
CA TRP A 205 -4.14 -20.37 1.89
C TRP A 205 -3.63 -20.82 0.53
N ARG A 206 -3.24 -22.09 0.44
CA ARG A 206 -2.67 -22.65 -0.78
C ARG A 206 -3.68 -22.61 -1.93
N ASN A 207 -4.97 -22.63 -1.61
CA ASN A 207 -6.00 -22.63 -2.64
C ASN A 207 -6.72 -21.29 -2.77
N ALA A 208 -6.15 -20.26 -2.15
CA ALA A 208 -6.66 -18.89 -2.24
C ALA A 208 -8.13 -18.79 -1.84
N ASN A 209 -8.52 -19.54 -0.81
CA ASN A 209 -9.89 -19.52 -0.32
C ASN A 209 -10.24 -18.16 0.29
N PRO A 210 -11.27 -17.49 -0.25
CA PRO A 210 -11.69 -16.17 0.23
C PRO A 210 -12.18 -16.21 1.68
N GLN A 211 -12.57 -17.39 2.14
CA GLN A 211 -13.03 -17.58 3.51
C GLN A 211 -11.91 -17.25 4.50
N LEU A 212 -10.67 -17.37 4.04
CA LEU A 212 -9.51 -17.07 4.86
C LEU A 212 -9.45 -15.58 5.22
N ALA A 213 -9.69 -14.73 4.23
CA ALA A 213 -9.67 -13.29 4.43
C ALA A 213 -10.88 -12.82 5.25
N ALA A 214 -12.03 -13.44 5.02
CA ALA A 214 -13.25 -13.06 5.73
C ALA A 214 -13.13 -13.41 7.21
N ASP A 215 -12.47 -14.52 7.51
CA ASP A 215 -12.29 -14.97 8.89
C ASP A 215 -11.30 -14.09 9.64
N TYR A 216 -10.32 -13.56 8.93
CA TYR A 216 -9.32 -12.69 9.55
C TYR A 216 -9.96 -11.37 9.97
N ARG A 217 -10.75 -10.77 9.07
CA ARG A 217 -11.41 -9.51 9.35
C ARG A 217 -12.40 -9.65 10.51
N ALA A 218 -12.97 -10.83 10.67
CA ALA A 218 -13.94 -11.08 11.74
C ALA A 218 -13.25 -11.23 13.09
N ARG A 219 -11.94 -11.47 13.06
CA ARG A 219 -11.17 -11.69 14.28
C ARG A 219 -10.18 -10.56 14.55
N SER A 220 -10.13 -9.59 13.65
CA SER A 220 -9.14 -8.52 13.74
C SER A 220 -9.46 -7.52 14.84
N LEU A 221 -8.48 -7.26 15.70
CA LEU A 221 -8.59 -6.24 16.73
C LEU A 221 -8.03 -4.90 16.23
N THR A 222 -7.34 -4.95 15.10
CA THR A 222 -6.66 -3.77 14.56
C THR A 222 -7.57 -2.96 13.64
N ILE A 223 -8.29 -3.65 12.77
CA ILE A 223 -9.17 -3.00 11.81
C ILE A 223 -10.27 -2.19 12.50
N GLY A 224 -10.33 -0.90 12.19
CA GLY A 224 -11.34 -0.03 12.76
C GLY A 224 -10.84 0.82 13.92
N SER A 225 -9.68 0.46 14.46
CA SER A 225 -9.14 1.19 15.60
C SER A 225 -8.03 2.16 15.19
N ARG A 226 -7.84 3.19 16.01
CA ARG A 226 -6.76 4.14 15.79
C ARG A 226 -5.45 3.53 16.25
N VAL A 227 -4.43 3.57 15.39
CA VAL A 227 -3.18 2.88 15.67
C VAL A 227 -1.94 3.73 15.37
N ARG A 228 -0.85 3.40 16.06
CA ARG A 228 0.46 3.89 15.67
C ARG A 228 1.27 2.70 15.14
N VAL A 229 1.76 2.84 13.91
CA VAL A 229 2.53 1.77 13.30
C VAL A 229 4.01 2.12 13.25
N GLU A 230 4.82 1.38 14.01
CA GLU A 230 6.25 1.58 14.03
C GLU A 230 6.90 0.86 12.86
N LEU A 231 7.28 1.64 11.85
CA LEU A 231 7.85 1.09 10.62
C LEU A 231 9.30 0.66 10.80
N PRO A 232 9.75 -0.29 9.97
CA PRO A 232 11.18 -0.66 9.93
C PRO A 232 12.04 0.55 9.62
N GLY A 233 12.99 0.85 10.49
CA GLY A 233 13.83 2.02 10.34
C GLY A 233 13.56 3.07 11.41
N GLY A 234 12.54 2.82 12.22
CA GLY A 234 12.26 3.67 13.37
C GLY A 234 11.26 4.79 13.12
N GLN A 235 10.58 4.78 11.98
CA GLN A 235 9.58 5.80 11.69
C GLN A 235 8.20 5.37 12.14
N ASP A 236 7.43 6.31 12.68
CA ASP A 236 6.09 6.04 13.17
C ASP A 236 5.04 6.69 12.29
N VAL A 237 3.91 6.01 12.09
CA VAL A 237 2.80 6.55 11.35
C VAL A 237 1.50 6.35 12.12
N VAL A 238 0.79 7.44 12.40
CA VAL A 238 -0.46 7.37 13.14
C VAL A 238 -1.65 7.53 12.21
N GLY A 239 -2.59 6.61 12.29
CA GLY A 239 -3.80 6.67 11.49
C GLY A 239 -4.85 5.69 11.98
N ILE A 240 -5.79 5.37 11.10
CA ILE A 240 -6.85 4.42 11.43
C ILE A 240 -6.79 3.23 10.48
N ALA A 241 -6.61 2.03 11.05
CA ALA A 241 -6.55 0.81 10.24
C ALA A 241 -7.92 0.51 9.66
N ARG A 242 -7.98 0.34 8.35
CA ARG A 242 -9.25 0.15 7.67
C ARG A 242 -9.47 -1.27 7.16
N ASP A 243 -8.43 -1.86 6.57
CA ASP A 243 -8.58 -3.17 5.94
C ASP A 243 -7.26 -3.88 5.65
N ILE A 244 -7.37 -5.15 5.25
CA ILE A 244 -6.25 -5.93 4.77
C ILE A 244 -6.37 -6.10 3.26
N ASP A 245 -5.27 -5.94 2.54
CA ASP A 245 -5.31 -6.10 1.09
C ASP A 245 -5.01 -7.54 0.69
N ASP A 246 -4.87 -7.77 -0.62
CA ASP A 246 -4.71 -9.13 -1.15
C ASP A 246 -3.33 -9.73 -0.82
N GLN A 247 -2.42 -8.92 -0.34
CA GLN A 247 -1.09 -9.40 0.02
C GLN A 247 -0.91 -9.55 1.53
N GLY A 248 -1.97 -9.25 2.27
CA GLY A 248 -1.92 -9.34 3.72
C GLY A 248 -1.33 -8.10 4.36
N ARG A 249 -1.30 -7.01 3.61
CA ARG A 249 -0.74 -5.76 4.09
C ARG A 249 -1.80 -4.87 4.73
N LEU A 250 -1.41 -4.12 5.75
CA LEU A 250 -2.35 -3.29 6.50
C LEU A 250 -2.61 -1.96 5.80
N CYS A 251 -3.88 -1.66 5.59
CA CYS A 251 -4.28 -0.40 4.94
C CYS A 251 -4.65 0.64 5.99
N LEU A 252 -3.92 1.76 5.98
CA LEU A 252 -4.13 2.81 6.96
C LEU A 252 -4.79 4.04 6.36
N ASP A 253 -5.78 4.58 7.07
CA ASP A 253 -6.36 5.87 6.72
C ASP A 253 -5.64 6.96 7.50
N VAL A 254 -4.81 7.74 6.81
CA VAL A 254 -4.08 8.83 7.45
C VAL A 254 -4.59 10.16 6.93
N GLY A 255 -5.60 10.71 7.59
CA GLY A 255 -6.18 11.99 7.21
C GLY A 255 -6.70 12.00 5.79
N GLY A 256 -7.35 10.91 5.39
CA GLY A 256 -7.91 10.80 4.06
C GLY A 256 -6.98 10.13 3.07
N ARG A 257 -5.69 10.10 3.41
CA ARG A 257 -4.70 9.45 2.56
C ARG A 257 -4.54 7.98 2.94
N THR A 258 -4.43 7.11 1.95
CA THR A 258 -4.26 5.69 2.20
C THR A 258 -2.79 5.30 2.23
N VAL A 259 -2.37 4.66 3.30
CA VAL A 259 -1.00 4.19 3.45
C VAL A 259 -0.98 2.68 3.68
N VAL A 260 -0.43 1.94 2.73
CA VAL A 260 -0.36 0.48 2.84
C VAL A 260 0.98 0.03 3.40
N VAL A 261 0.94 -0.73 4.49
CA VAL A 261 2.15 -1.15 5.19
C VAL A 261 2.35 -2.66 5.09
N SER A 262 3.53 -3.07 4.66
CA SER A 262 3.83 -4.49 4.50
C SER A 262 4.41 -5.10 5.76
N ALA A 263 5.05 -4.28 6.59
CA ALA A 263 5.68 -4.75 7.82
C ALA A 263 5.81 -3.65 8.85
N GLY A 264 5.63 -4.01 10.12
CA GLY A 264 5.75 -3.04 11.19
C GLY A 264 5.10 -3.51 12.49
N ASP A 265 5.30 -2.73 13.55
CA ASP A 265 4.72 -3.05 14.85
C ASP A 265 3.53 -2.14 15.14
N VAL A 266 2.37 -2.75 15.35
CA VAL A 266 1.14 -1.99 15.58
C VAL A 266 0.89 -1.75 17.05
N VAL A 267 0.57 -0.50 17.39
CA VAL A 267 0.14 -0.16 18.74
C VAL A 267 -1.26 0.42 18.71
N HIS A 268 -2.21 -0.30 19.31
CA HIS A 268 -3.58 0.18 19.40
C HIS A 268 -3.64 1.37 20.35
N LEU A 269 -4.14 2.50 19.87
CA LEU A 269 -4.14 3.73 20.66
C LEU A 269 -5.38 3.85 21.52
N ARG A 270 -5.16 3.84 22.84
CA ARG A 270 -6.25 3.94 23.81
C ARG A 270 -6.46 5.38 24.24
N ARG B 8 5.40 42.16 -20.25
CA ARG B 8 5.17 40.72 -20.27
C ARG B 8 3.78 40.41 -20.80
N ASP B 9 2.86 41.36 -20.68
CA ASP B 9 1.52 41.22 -21.23
C ASP B 9 1.58 41.34 -22.76
N ARG B 10 2.70 41.88 -23.24
CA ARG B 10 2.98 41.99 -24.67
C ARG B 10 2.89 40.64 -25.37
N LEU B 11 3.33 39.58 -24.68
CA LEU B 11 3.38 38.25 -25.26
C LEU B 11 2.15 37.41 -24.92
N ARG B 12 1.01 38.05 -24.73
CA ARG B 12 -0.20 37.32 -24.35
C ARG B 12 -1.42 37.63 -25.23
N PRO B 13 -1.39 37.20 -26.51
CA PRO B 13 -2.60 37.31 -27.33
C PRO B 13 -3.69 36.35 -26.84
N PRO B 14 -4.96 36.72 -27.05
CA PRO B 14 -6.07 35.82 -26.68
C PRO B 14 -6.11 34.57 -27.55
N LEU B 15 -6.68 33.49 -27.04
CA LEU B 15 -6.76 32.24 -27.78
C LEU B 15 -7.79 32.31 -28.90
N ASP B 16 -7.45 31.69 -30.04
CA ASP B 16 -8.36 31.63 -31.17
C ASP B 16 -9.20 30.36 -31.10
N GLU B 17 -10.45 30.51 -30.66
CA GLU B 17 -11.35 29.38 -30.51
C GLU B 17 -11.66 28.70 -31.84
N ARG B 18 -11.93 29.52 -32.86
CA ARG B 18 -12.29 28.99 -34.17
C ARG B 18 -11.11 28.23 -34.79
N SER B 19 -9.91 28.72 -34.56
CA SER B 19 -8.70 28.09 -35.08
C SER B 19 -8.44 26.74 -34.43
N LEU B 20 -8.63 26.68 -33.11
CA LEU B 20 -8.43 25.44 -32.37
C LEU B 20 -9.46 24.39 -32.80
N ARG B 21 -10.68 24.84 -33.06
CA ARG B 21 -11.73 23.93 -33.53
C ARG B 21 -11.37 23.32 -34.88
N ASP B 22 -10.93 24.17 -35.81
CA ASP B 22 -10.63 23.71 -37.17
C ASP B 22 -9.48 22.71 -37.19
N GLN B 23 -8.56 22.85 -36.24
CA GLN B 23 -7.40 21.97 -36.18
C GLN B 23 -7.68 20.67 -35.45
N LEU B 24 -8.49 20.73 -34.39
CA LEU B 24 -8.64 19.61 -33.48
C LEU B 24 -9.98 18.88 -33.61
N ILE B 25 -11.07 19.64 -33.63
CA ILE B 25 -12.39 19.05 -33.47
C ILE B 25 -12.87 18.32 -34.73
N GLY B 26 -12.83 17.00 -34.67
CA GLY B 26 -13.25 16.15 -35.77
C GLY B 26 -12.20 16.04 -36.87
N ALA B 27 -11.11 16.78 -36.71
CA ALA B 27 -10.06 16.82 -37.73
C ALA B 27 -8.79 16.13 -37.23
N GLY B 28 -7.91 16.89 -36.63
CA GLY B 28 -6.63 16.38 -36.18
C GLY B 28 -6.66 15.69 -34.83
N SER B 29 -7.85 15.49 -34.29
CA SER B 29 -8.00 14.82 -33.00
C SER B 29 -9.38 14.16 -32.87
N GLY B 30 -9.55 13.39 -31.80
CA GLY B 30 -10.81 12.71 -31.55
C GLY B 30 -11.77 13.53 -30.70
N TRP B 31 -11.30 14.66 -30.20
CA TRP B 31 -12.15 15.56 -29.41
C TRP B 31 -13.33 16.04 -30.25
N ARG B 32 -14.51 16.09 -29.63
CA ARG B 32 -15.73 16.36 -30.40
C ARG B 32 -16.35 17.72 -30.09
N GLN B 33 -15.84 18.41 -29.08
CA GLN B 33 -16.33 19.75 -28.76
C GLN B 33 -15.27 20.58 -28.05
N LEU B 34 -15.16 21.84 -28.45
CA LEU B 34 -14.19 22.74 -27.84
C LEU B 34 -14.79 24.13 -27.64
N ASP B 35 -14.66 24.65 -26.43
CA ASP B 35 -15.13 26.00 -26.12
C ASP B 35 -14.09 26.78 -25.35
N VAL B 36 -13.96 28.06 -25.68
CA VAL B 36 -13.03 28.94 -25.00
C VAL B 36 -13.77 30.09 -24.33
N VAL B 37 -13.66 30.17 -23.01
CA VAL B 37 -14.28 31.27 -22.26
C VAL B 37 -13.21 32.19 -21.69
N ALA B 38 -13.57 33.45 -21.48
CA ALA B 38 -12.61 34.44 -20.99
C ALA B 38 -12.49 34.38 -19.47
N GLN B 39 -13.56 33.95 -18.81
CA GLN B 39 -13.59 33.89 -17.35
C GLN B 39 -14.60 32.88 -16.83
N THR B 40 -14.16 32.10 -15.84
CA THR B 40 -15.04 31.16 -15.14
C THR B 40 -14.51 30.92 -13.73
N GLY B 41 -15.25 30.14 -12.95
CA GLY B 41 -14.77 29.76 -11.62
C GLY B 41 -13.69 28.71 -11.75
N SER B 42 -14.04 27.59 -12.38
CA SER B 42 -13.10 26.50 -12.62
C SER B 42 -13.57 25.66 -13.80
N THR B 43 -12.66 25.41 -14.74
CA THR B 43 -13.00 24.60 -15.91
C THR B 43 -13.36 23.17 -15.49
N ASN B 44 -12.75 22.71 -14.40
CA ASN B 44 -13.12 21.42 -13.84
C ASN B 44 -14.55 21.45 -13.29
N ALA B 45 -14.88 22.53 -12.59
CA ALA B 45 -16.21 22.69 -12.01
C ALA B 45 -17.30 22.73 -13.08
N ASP B 46 -17.04 23.46 -14.16
CA ASP B 46 -18.03 23.63 -15.23
C ASP B 46 -18.34 22.31 -15.93
N LEU B 47 -17.30 21.51 -16.17
CA LEU B 47 -17.48 20.22 -16.83
C LEU B 47 -18.19 19.22 -15.91
N LEU B 48 -17.93 19.33 -14.62
CA LEU B 48 -18.58 18.46 -13.63
C LEU B 48 -20.07 18.80 -13.52
N ALA B 49 -20.38 20.09 -13.56
CA ALA B 49 -21.77 20.55 -13.46
C ALA B 49 -22.58 20.14 -14.68
N ARG B 50 -21.94 20.15 -15.85
CA ARG B 50 -22.60 19.77 -17.08
C ARG B 50 -22.91 18.28 -17.10
N ALA B 51 -22.02 17.48 -16.49
CA ALA B 51 -22.22 16.04 -16.40
C ALA B 51 -23.38 15.73 -15.45
N ALA B 52 -23.47 16.49 -14.37
CA ALA B 52 -24.54 16.32 -13.40
C ALA B 52 -25.89 16.69 -14.01
N SER B 53 -25.85 17.50 -15.06
CA SER B 53 -27.05 17.91 -15.77
C SER B 53 -27.58 16.79 -16.65
N GLY B 54 -26.76 15.76 -16.84
CA GLY B 54 -27.14 14.63 -17.67
C GLY B 54 -26.54 14.70 -19.05
N ALA B 55 -25.71 15.72 -19.28
CA ALA B 55 -25.06 15.90 -20.57
C ALA B 55 -23.80 15.04 -20.68
N ASP B 56 -23.56 14.50 -21.86
CA ASP B 56 -22.36 13.70 -22.11
C ASP B 56 -21.16 14.60 -22.33
N ILE B 57 -20.14 14.44 -21.50
CA ILE B 57 -18.94 15.27 -21.60
C ILE B 57 -17.75 14.48 -22.13
N ASP B 58 -17.98 13.26 -22.57
CA ASP B 58 -16.91 12.42 -23.13
C ASP B 58 -16.36 13.02 -24.42
N GLY B 59 -15.13 13.51 -24.36
CA GLY B 59 -14.49 14.11 -25.52
C GLY B 59 -14.74 15.60 -25.62
N VAL B 60 -15.23 16.20 -24.55
CA VAL B 60 -15.52 17.63 -24.52
C VAL B 60 -14.36 18.41 -23.90
N VAL B 61 -13.97 19.51 -24.56
CA VAL B 61 -12.86 20.32 -24.10
C VAL B 61 -13.33 21.72 -23.72
N LEU B 62 -12.87 22.21 -22.57
CA LEU B 62 -13.18 23.56 -22.13
C LEU B 62 -11.92 24.31 -21.72
N ILE B 63 -11.69 25.46 -22.34
CA ILE B 63 -10.50 26.27 -22.07
C ILE B 63 -10.90 27.64 -21.54
N ALA B 64 -10.15 28.14 -20.57
CA ALA B 64 -10.43 29.45 -20.00
C ALA B 64 -9.19 30.33 -19.97
N GLU B 65 -9.38 31.63 -20.19
CA GLU B 65 -8.27 32.58 -20.13
C GLU B 65 -7.95 32.95 -18.69
N HIS B 66 -8.93 32.76 -17.80
CA HIS B 66 -8.75 33.10 -16.40
C HIS B 66 -9.74 32.35 -15.50
N GLN B 67 -9.29 31.98 -14.31
CA GLN B 67 -10.15 31.34 -13.32
C GLN B 67 -10.19 32.15 -12.02
N THR B 68 -11.38 32.25 -11.43
CA THR B 68 -11.53 32.97 -10.18
C THR B 68 -11.52 32.03 -8.99
N ALA B 69 -11.91 30.78 -9.23
CA ALA B 69 -11.94 29.76 -8.18
C ALA B 69 -11.19 28.51 -8.62
N GLY B 70 -9.90 28.68 -8.93
CA GLY B 70 -9.07 27.58 -9.38
C GLY B 70 -8.94 26.48 -8.36
N ARG B 71 -8.95 25.23 -8.82
CA ARG B 71 -8.86 24.08 -7.94
C ARG B 71 -7.51 23.37 -8.04
N GLY B 72 -6.93 23.06 -6.88
CA GLY B 72 -5.73 22.24 -6.82
C GLY B 72 -6.09 20.90 -6.21
N ARG B 73 -5.09 20.04 -6.04
CA ARG B 73 -5.33 18.73 -5.43
C ARG B 73 -5.44 18.85 -3.91
N HIS B 74 -6.24 17.96 -3.31
CA HIS B 74 -6.40 17.88 -1.86
C HIS B 74 -6.90 19.18 -1.25
N GLY B 75 -7.89 19.81 -1.90
CA GLY B 75 -8.53 20.99 -1.35
C GLY B 75 -7.82 22.29 -1.64
N ARG B 76 -6.58 22.20 -2.12
CA ARG B 76 -5.80 23.40 -2.43
C ARG B 76 -6.34 24.09 -3.68
N GLY B 77 -5.77 25.26 -4.00
CA GLY B 77 -6.22 26.04 -5.14
C GLY B 77 -5.19 26.17 -6.23
N TRP B 78 -5.53 26.91 -7.28
CA TRP B 78 -4.62 27.14 -8.40
C TRP B 78 -4.71 28.58 -8.88
N ALA B 79 -3.58 29.28 -8.87
CA ALA B 79 -3.56 30.68 -9.26
C ALA B 79 -3.14 30.85 -10.71
N ALA B 80 -3.67 31.87 -11.37
CA ALA B 80 -3.36 32.14 -12.76
C ALA B 80 -3.71 33.58 -13.17
N THR B 81 -2.72 34.27 -13.72
CA THR B 81 -2.96 35.57 -14.33
C THR B 81 -3.60 35.36 -15.70
N ALA B 82 -4.50 36.26 -16.08
CA ALA B 82 -5.23 36.14 -17.34
C ALA B 82 -4.31 35.97 -18.55
N ARG B 83 -4.60 34.95 -19.35
CA ARG B 83 -3.88 34.65 -20.60
C ARG B 83 -2.41 34.31 -20.40
N ALA B 84 -2.00 34.06 -19.16
CA ALA B 84 -0.61 33.74 -18.86
C ALA B 84 -0.38 32.23 -18.89
N GLN B 85 -1.46 31.47 -18.82
CA GLN B 85 -1.36 30.01 -18.81
C GLN B 85 -2.26 29.37 -19.86
N ILE B 86 -2.06 28.07 -20.06
CA ILE B 86 -3.03 27.26 -20.78
C ILE B 86 -3.90 26.55 -19.74
N ILE B 87 -5.14 26.99 -19.63
CA ILE B 87 -6.06 26.48 -18.62
C ILE B 87 -7.18 25.69 -19.26
N LEU B 88 -7.16 24.37 -19.11
CA LEU B 88 -8.17 23.56 -19.78
C LEU B 88 -8.60 22.34 -18.97
N SER B 89 -9.79 21.82 -19.30
CA SER B 89 -10.29 20.58 -18.76
C SER B 89 -10.92 19.74 -19.88
N VAL B 90 -10.81 18.43 -19.78
CA VAL B 90 -11.41 17.53 -20.76
C VAL B 90 -12.24 16.45 -20.06
N GLY B 91 -13.24 15.93 -20.76
CA GLY B 91 -14.09 14.88 -20.23
C GLY B 91 -13.75 13.52 -20.79
N VAL B 92 -13.68 12.52 -19.91
CA VAL B 92 -13.32 11.17 -20.31
C VAL B 92 -14.23 10.12 -19.67
N ARG B 93 -14.85 9.27 -20.50
CA ARG B 93 -15.62 8.13 -19.99
C ARG B 93 -14.68 7.02 -19.53
N VAL B 94 -14.90 6.49 -18.34
CA VAL B 94 -13.96 5.54 -17.75
C VAL B 94 -14.57 4.24 -17.24
N VAL B 95 -15.86 4.03 -17.47
CA VAL B 95 -16.54 2.85 -16.93
C VAL B 95 -16.11 1.55 -17.62
N ASP B 96 -15.58 1.67 -18.82
CA ASP B 96 -15.09 0.52 -19.56
C ASP B 96 -13.77 0.00 -18.96
N VAL B 97 -13.15 0.82 -18.14
CA VAL B 97 -11.86 0.51 -17.55
C VAL B 97 -12.00 0.19 -16.06
N PRO B 98 -11.35 -0.90 -15.60
CA PRO B 98 -11.32 -1.26 -14.17
C PRO B 98 -11.01 -0.07 -13.27
N VAL B 99 -11.76 0.07 -12.18
CA VAL B 99 -11.68 1.23 -11.31
C VAL B 99 -10.30 1.40 -10.67
N GLN B 100 -9.58 0.29 -10.49
CA GLN B 100 -8.27 0.35 -9.88
C GLN B 100 -7.25 1.02 -10.80
N ALA B 101 -7.57 1.10 -12.10
CA ALA B 101 -6.63 1.68 -13.06
C ALA B 101 -6.88 3.16 -13.31
N TRP B 102 -7.82 3.75 -12.58
CA TRP B 102 -8.23 5.13 -12.82
C TRP B 102 -7.18 6.13 -12.35
N GLY B 103 -6.33 5.73 -11.41
CA GLY B 103 -5.29 6.60 -10.90
C GLY B 103 -4.23 6.92 -11.93
N TRP B 104 -4.11 6.05 -12.92
CA TRP B 104 -3.10 6.22 -13.97
C TRP B 104 -3.49 7.26 -15.01
N LEU B 105 -4.78 7.58 -15.08
CA LEU B 105 -5.26 8.57 -16.03
C LEU B 105 -4.65 9.94 -15.74
N SER B 106 -4.54 10.26 -14.45
CA SER B 106 -3.94 11.51 -14.03
C SER B 106 -2.44 11.52 -14.34
N LEU B 107 -1.79 10.37 -14.21
CA LEU B 107 -0.37 10.25 -14.49
C LEU B 107 -0.11 10.37 -15.98
N ALA B 108 -1.01 9.81 -16.79
CA ALA B 108 -0.93 9.90 -18.24
C ALA B 108 -1.03 11.35 -18.71
N ALA B 109 -1.84 12.13 -18.00
CA ALA B 109 -2.03 13.54 -18.35
C ALA B 109 -0.76 14.34 -18.13
N GLY B 110 -0.02 14.00 -17.08
CA GLY B 110 1.25 14.67 -16.81
C GLY B 110 2.28 14.32 -17.85
N LEU B 111 2.19 13.10 -18.36
CA LEU B 111 3.09 12.63 -19.41
C LEU B 111 2.83 13.39 -20.71
N ALA B 112 1.56 13.68 -20.97
CA ALA B 112 1.16 14.39 -22.19
C ALA B 112 1.64 15.85 -22.17
N VAL B 113 1.54 16.48 -21.01
CA VAL B 113 1.99 17.86 -20.85
C VAL B 113 3.49 17.97 -21.09
N LEU B 114 4.24 17.03 -20.52
CA LEU B 114 5.69 17.00 -20.67
C LEU B 114 6.09 16.79 -22.13
N ASP B 115 5.35 15.93 -22.83
CA ASP B 115 5.64 15.62 -24.23
C ASP B 115 5.36 16.81 -25.16
N SER B 116 4.33 17.58 -24.84
CA SER B 116 3.93 18.70 -25.69
C SER B 116 4.86 19.89 -25.51
N VAL B 117 5.72 19.83 -24.50
CA VAL B 117 6.55 20.96 -24.13
C VAL B 117 8.03 20.65 -24.29
N ALA B 118 8.40 19.37 -24.14
CA ALA B 118 9.79 18.94 -24.23
C ALA B 118 10.52 19.42 -25.50
N PRO B 119 9.89 19.34 -26.69
CA PRO B 119 10.64 19.82 -27.85
C PRO B 119 10.74 21.34 -27.95
N LEU B 120 10.14 22.06 -27.00
CA LEU B 120 10.16 23.52 -27.01
C LEU B 120 11.30 24.10 -26.18
N ILE B 121 11.61 23.44 -25.07
CA ILE B 121 12.54 23.99 -24.09
C ILE B 121 13.98 23.50 -24.30
N ALA B 122 14.92 24.45 -24.22
CA ALA B 122 16.34 24.14 -24.35
C ALA B 122 16.91 23.67 -23.02
N VAL B 123 16.84 22.36 -22.79
CA VAL B 123 17.24 21.77 -21.53
C VAL B 123 17.46 20.28 -21.76
N PRO B 124 18.46 19.68 -21.09
CA PRO B 124 18.63 18.23 -21.16
C PRO B 124 17.34 17.48 -20.86
N PRO B 125 17.17 16.26 -21.42
CA PRO B 125 16.00 15.43 -21.14
C PRO B 125 15.86 15.16 -19.64
N ALA B 126 16.94 14.73 -19.00
CA ALA B 126 17.01 14.73 -17.54
C ALA B 126 17.11 16.19 -17.10
N GLU B 127 16.75 16.44 -15.83
CA GLU B 127 16.58 17.78 -15.24
C GLU B 127 15.14 18.26 -15.45
N THR B 128 14.43 17.57 -16.34
CA THR B 128 12.99 17.76 -16.48
C THR B 128 12.30 16.42 -16.35
N GLY B 129 11.01 16.45 -15.99
CA GLY B 129 10.26 15.23 -15.82
C GLY B 129 9.06 15.39 -14.93
N LEU B 130 8.64 14.29 -14.32
CA LEU B 130 7.42 14.27 -13.51
C LEU B 130 7.70 13.97 -12.06
N LYS B 131 7.23 14.84 -11.18
CA LYS B 131 7.25 14.56 -9.75
C LYS B 131 5.91 13.96 -9.35
N TRP B 132 5.95 12.79 -8.73
CA TRP B 132 4.73 12.09 -8.32
C TRP B 132 3.94 12.92 -7.32
N PRO B 133 2.60 12.92 -7.46
CA PRO B 133 1.84 12.21 -8.50
C PRO B 133 1.92 12.92 -9.86
N ASN B 134 1.53 14.18 -9.90
CA ASN B 134 1.52 14.92 -11.16
C ASN B 134 1.99 16.35 -11.06
N ASP B 135 3.30 16.52 -11.01
CA ASP B 135 3.92 17.83 -11.15
C ASP B 135 4.90 17.78 -12.29
N VAL B 136 4.71 18.65 -13.28
CA VAL B 136 5.67 18.75 -14.38
C VAL B 136 6.77 19.72 -14.00
N LEU B 137 7.99 19.21 -13.86
CA LEU B 137 9.10 20.02 -13.39
C LEU B 137 10.12 20.29 -14.49
N ALA B 138 10.68 21.50 -14.44
CA ALA B 138 11.80 21.87 -15.29
C ALA B 138 12.76 22.75 -14.50
N ARG B 139 13.99 22.27 -14.32
CA ARG B 139 14.97 22.91 -13.45
C ARG B 139 14.46 23.05 -12.02
N GLY B 140 13.65 22.10 -11.59
CA GLY B 140 13.12 22.10 -10.24
C GLY B 140 11.88 22.96 -10.07
N GLY B 141 11.60 23.78 -11.07
CA GLY B 141 10.42 24.64 -11.04
C GLY B 141 9.19 23.91 -11.54
N LYS B 142 8.04 24.18 -10.91
CA LYS B 142 6.79 23.55 -11.31
C LYS B 142 6.23 24.24 -12.55
N LEU B 143 6.29 23.53 -13.67
CA LEU B 143 5.85 24.08 -14.96
C LEU B 143 4.34 23.91 -15.15
N ALA B 144 3.80 22.83 -14.62
CA ALA B 144 2.37 22.55 -14.76
C ALA B 144 1.83 21.69 -13.63
N GLY B 145 0.53 21.79 -13.39
CA GLY B 145 -0.14 20.97 -12.41
C GLY B 145 -1.35 20.27 -13.02
N ILE B 146 -1.62 19.06 -12.55
CA ILE B 146 -2.71 18.25 -13.08
C ILE B 146 -3.72 17.89 -11.97
N LEU B 147 -5.00 18.04 -12.28
CA LEU B 147 -6.05 17.66 -11.34
C LEU B 147 -7.11 16.78 -11.99
N ALA B 148 -7.33 15.60 -11.40
CA ALA B 148 -8.37 14.71 -11.88
C ALA B 148 -9.48 14.60 -10.84
N GLU B 149 -10.73 14.74 -11.30
CA GLU B 149 -11.87 14.63 -10.41
C GLU B 149 -12.91 13.67 -11.00
N VAL B 150 -13.47 12.82 -10.15
CA VAL B 150 -14.34 11.75 -10.62
C VAL B 150 -15.82 12.08 -10.49
N ALA B 151 -16.54 11.94 -11.61
CA ALA B 151 -17.99 11.99 -11.62
C ALA B 151 -18.52 10.94 -12.59
N GLN B 152 -18.70 9.72 -12.08
CA GLN B 152 -19.09 8.58 -12.90
C GLN B 152 -20.31 8.91 -13.77
N PRO B 153 -20.30 8.45 -15.03
CA PRO B 153 -19.29 7.59 -15.66
C PRO B 153 -18.05 8.31 -16.19
N PHE B 154 -17.74 9.49 -15.67
CA PHE B 154 -16.66 10.29 -16.23
C PHE B 154 -15.55 10.63 -15.24
N VAL B 155 -14.41 11.04 -15.80
CA VAL B 155 -13.35 11.68 -15.04
C VAL B 155 -13.04 13.00 -15.71
N VAL B 156 -13.06 14.09 -14.95
CA VAL B 156 -12.70 15.39 -15.48
C VAL B 156 -11.22 15.65 -15.26
N LEU B 157 -10.50 15.86 -16.36
CA LEU B 157 -9.05 15.99 -16.33
C LEU B 157 -8.63 17.44 -16.57
N GLY B 158 -8.06 18.07 -15.55
CA GLY B 158 -7.70 19.47 -15.63
C GLY B 158 -6.21 19.72 -15.68
N VAL B 159 -5.79 20.63 -16.57
CA VAL B 159 -4.38 20.95 -16.75
C VAL B 159 -4.13 22.45 -16.67
N GLY B 160 -3.19 22.85 -15.80
CA GLY B 160 -2.76 24.23 -15.73
C GLY B 160 -1.29 24.35 -16.11
N LEU B 161 -1.03 24.90 -17.30
CA LEU B 161 0.33 25.00 -17.81
C LEU B 161 0.83 26.44 -17.88
N ASN B 162 1.86 26.74 -17.09
CA ASN B 162 2.44 28.08 -17.07
C ASN B 162 3.19 28.40 -18.36
N VAL B 163 2.63 29.29 -19.17
CA VAL B 163 3.24 29.65 -20.45
C VAL B 163 4.09 30.91 -20.33
N THR B 164 3.46 32.01 -19.94
CA THR B 164 4.18 33.26 -19.67
C THR B 164 3.96 33.70 -18.24
N GLN B 165 3.47 32.78 -17.42
CA GLN B 165 3.10 33.08 -16.03
C GLN B 165 4.29 33.51 -15.19
N ALA B 166 4.16 34.66 -14.54
CA ALA B 166 5.16 35.13 -13.60
C ALA B 166 5.00 34.41 -12.27
N PRO B 167 6.08 33.77 -11.79
CA PRO B 167 6.07 32.96 -10.56
C PRO B 167 5.64 33.75 -9.32
N GLU B 168 5.96 35.04 -9.27
CA GLU B 168 5.61 35.87 -8.12
C GLU B 168 4.09 35.99 -7.95
N GLU B 169 3.37 35.79 -9.04
CA GLU B 169 1.92 35.93 -9.05
C GLU B 169 1.20 34.65 -8.61
N VAL B 170 1.93 33.54 -8.58
CA VAL B 170 1.31 32.25 -8.31
C VAL B 170 2.00 31.46 -7.19
N ASP B 171 3.32 31.35 -7.28
CA ASP B 171 4.11 30.53 -6.35
C ASP B 171 5.59 30.69 -6.67
N PRO B 172 6.43 30.88 -5.64
CA PRO B 172 7.86 31.11 -5.87
C PRO B 172 8.57 29.87 -6.44
N ASP B 173 7.98 28.69 -6.22
CA ASP B 173 8.57 27.44 -6.69
C ASP B 173 8.19 27.17 -8.15
N ALA B 174 7.37 28.07 -8.72
CA ALA B 174 6.88 27.90 -10.08
C ALA B 174 7.87 28.36 -11.14
N THR B 175 7.58 28.00 -12.38
CA THR B 175 8.34 28.44 -13.54
C THR B 175 7.42 28.45 -14.75
N SER B 176 7.90 29.01 -15.87
CA SER B 176 7.10 29.07 -17.08
C SER B 176 7.98 28.87 -18.31
N LEU B 177 7.35 28.62 -19.45
CA LEU B 177 8.09 28.44 -20.70
C LEU B 177 8.90 29.68 -21.06
N LEU B 178 8.34 30.84 -20.78
CA LEU B 178 9.02 32.11 -21.03
C LEU B 178 10.28 32.22 -20.19
N ASP B 179 10.16 31.93 -18.90
CA ASP B 179 11.29 32.00 -17.98
C ASP B 179 12.30 30.87 -18.24
N LEU B 180 11.86 29.85 -18.94
CA LEU B 180 12.74 28.72 -19.27
C LEU B 180 13.53 28.97 -20.54
N GLY B 181 13.17 30.02 -21.28
CA GLY B 181 13.94 30.39 -22.45
C GLY B 181 13.15 30.54 -23.74
N VAL B 182 11.92 30.04 -23.74
CA VAL B 182 11.07 30.14 -24.93
C VAL B 182 10.71 31.61 -25.20
N ALA B 183 11.28 32.16 -26.28
CA ALA B 183 11.17 33.58 -26.59
C ALA B 183 9.74 34.06 -26.72
N ALA B 184 9.03 33.57 -27.73
CA ALA B 184 7.65 33.98 -27.97
C ALA B 184 6.73 32.78 -28.08
N PRO B 185 6.29 32.23 -26.93
CA PRO B 185 5.44 31.05 -26.87
C PRO B 185 4.08 31.27 -27.52
N ASP B 186 3.71 30.39 -28.44
CA ASP B 186 2.41 30.47 -29.11
C ASP B 186 1.40 29.56 -28.41
N ARG B 187 0.56 30.15 -27.58
CA ARG B 187 -0.41 29.40 -26.78
C ARG B 187 -1.37 28.58 -27.65
N ASN B 188 -1.66 29.07 -28.85
CA ASN B 188 -2.55 28.36 -29.75
C ASN B 188 -1.96 27.05 -30.25
N ARG B 189 -0.67 27.08 -30.57
CA ARG B 189 0.01 25.90 -31.09
C ARG B 189 0.37 24.93 -29.98
N ILE B 190 0.65 25.46 -28.79
CA ILE B 190 0.96 24.61 -27.65
C ILE B 190 -0.30 23.88 -27.17
N ALA B 191 -1.41 24.61 -27.09
CA ALA B 191 -2.68 24.03 -26.66
C ALA B 191 -3.15 22.96 -27.64
N SER B 192 -2.97 23.24 -28.92
CA SER B 192 -3.32 22.29 -29.97
C SER B 192 -2.48 21.02 -29.84
N ARG B 193 -1.19 21.20 -29.58
CA ARG B 193 -0.29 20.07 -29.41
C ARG B 193 -0.60 19.32 -28.12
N LEU B 194 -0.86 20.06 -27.05
CA LEU B 194 -1.18 19.46 -25.76
C LEU B 194 -2.42 18.57 -25.83
N LEU B 195 -3.42 19.02 -26.57
CA LEU B 195 -4.68 18.27 -26.69
C LEU B 195 -4.52 17.02 -27.54
N ARG B 196 -3.56 17.03 -28.47
CA ARG B 196 -3.29 15.85 -29.28
C ARG B 196 -2.50 14.82 -28.48
N GLU B 197 -1.55 15.29 -27.67
CA GLU B 197 -0.76 14.39 -26.83
C GLU B 197 -1.64 13.82 -25.72
N LEU B 198 -2.60 14.62 -25.27
CA LEU B 198 -3.51 14.21 -24.22
C LEU B 198 -4.41 13.08 -24.70
N GLU B 199 -4.87 13.18 -25.94
CA GLU B 199 -5.70 12.13 -26.53
C GLU B 199 -4.93 10.83 -26.66
N ALA B 200 -3.66 10.94 -27.07
CA ALA B 200 -2.83 9.77 -27.28
C ALA B 200 -2.58 9.01 -25.98
N ARG B 201 -2.35 9.75 -24.90
CA ARG B 201 -2.08 9.13 -23.60
C ARG B 201 -3.35 8.55 -22.99
N ILE B 202 -4.48 9.20 -23.22
CA ILE B 202 -5.75 8.70 -22.70
C ILE B 202 -6.11 7.37 -23.36
N ILE B 203 -6.00 7.34 -24.69
CA ILE B 203 -6.25 6.13 -25.44
C ILE B 203 -5.26 5.04 -25.03
N GLN B 204 -4.01 5.45 -24.79
CA GLN B 204 -2.98 4.56 -24.29
C GLN B 204 -3.39 3.95 -22.95
N TRP B 205 -3.99 4.79 -22.10
CA TRP B 205 -4.48 4.34 -20.80
C TRP B 205 -5.69 3.43 -20.94
N ARG B 206 -6.54 3.72 -21.92
CA ARG B 206 -7.75 2.96 -22.14
C ARG B 206 -7.48 1.53 -22.60
N ASN B 207 -6.52 1.38 -23.52
CA ASN B 207 -6.22 0.08 -24.09
C ASN B 207 -5.19 -0.70 -23.30
N ALA B 208 -4.94 -0.27 -22.07
CA ALA B 208 -3.97 -0.91 -21.19
C ALA B 208 -2.61 -1.07 -21.87
N ASN B 209 -2.23 -0.07 -22.65
CA ASN B 209 -0.96 -0.10 -23.38
C ASN B 209 0.23 -0.03 -22.43
N PRO B 210 1.17 -0.97 -22.56
CA PRO B 210 2.35 -1.11 -21.70
C PRO B 210 3.25 0.13 -21.69
N GLN B 211 3.33 0.82 -22.82
CA GLN B 211 4.22 1.97 -22.96
C GLN B 211 3.83 3.12 -22.03
N LEU B 212 2.59 3.10 -21.54
CA LEU B 212 2.14 4.15 -20.63
C LEU B 212 2.93 4.15 -19.34
N ALA B 213 2.86 3.05 -18.60
CA ALA B 213 3.57 2.92 -17.33
C ALA B 213 5.08 2.94 -17.54
N ALA B 214 5.51 2.46 -18.70
CA ALA B 214 6.93 2.44 -19.03
C ALA B 214 7.47 3.85 -19.21
N ASP B 215 6.78 4.65 -20.02
CA ASP B 215 7.21 6.01 -20.31
C ASP B 215 7.16 6.90 -19.07
N TYR B 216 6.22 6.62 -18.18
CA TYR B 216 6.10 7.40 -16.95
C TYR B 216 7.33 7.18 -16.07
N ARG B 217 7.69 5.91 -15.89
CA ARG B 217 8.85 5.56 -15.08
C ARG B 217 10.14 6.08 -15.70
N ALA B 218 10.18 6.10 -17.03
CA ALA B 218 11.36 6.57 -17.74
C ALA B 218 11.59 8.07 -17.55
N ARG B 219 10.53 8.80 -17.23
CA ARG B 219 10.65 10.25 -17.06
C ARG B 219 10.27 10.70 -15.66
N SER B 220 10.15 9.75 -14.75
CA SER B 220 9.87 10.08 -13.35
C SER B 220 11.08 10.69 -12.69
N LEU B 221 10.88 11.85 -12.05
CA LEU B 221 11.96 12.48 -11.28
C LEU B 221 11.95 11.97 -9.85
N THR B 222 10.87 11.28 -9.48
CA THR B 222 10.71 10.78 -8.12
C THR B 222 11.35 9.40 -7.96
N ILE B 223 11.11 8.52 -8.91
CA ILE B 223 11.61 7.15 -8.88
C ILE B 223 13.14 7.10 -8.85
N GLY B 224 13.69 6.37 -7.88
CA GLY B 224 15.13 6.17 -7.79
C GLY B 224 15.80 7.10 -6.80
N SER B 225 15.03 8.01 -6.23
CA SER B 225 15.58 8.99 -5.29
C SER B 225 14.96 8.85 -3.90
N ARG B 226 15.72 9.24 -2.88
CA ARG B 226 15.20 9.29 -1.53
C ARG B 226 14.21 10.44 -1.42
N VAL B 227 13.00 10.14 -0.96
CA VAL B 227 11.96 11.16 -0.90
C VAL B 227 11.32 11.24 0.48
N ARG B 228 10.67 12.37 0.75
CA ARG B 228 9.90 12.55 1.97
C ARG B 228 8.45 12.83 1.59
N VAL B 229 7.55 11.94 2.01
CA VAL B 229 6.14 12.10 1.68
C VAL B 229 5.36 12.66 2.86
N GLU B 230 4.80 13.85 2.69
CA GLU B 230 4.10 14.53 3.76
C GLU B 230 2.66 14.03 3.90
N LEU B 231 2.25 13.79 5.15
CA LEU B 231 0.94 13.26 5.45
C LEU B 231 0.24 14.14 6.48
N PRO B 232 -1.11 14.13 6.49
CA PRO B 232 -1.90 14.92 7.45
C PRO B 232 -1.54 14.62 8.90
N GLY B 233 -1.62 15.65 9.75
CA GLY B 233 -1.30 15.50 11.16
C GLY B 233 0.15 15.85 11.44
N GLY B 234 0.78 16.58 10.53
CA GLY B 234 2.17 16.95 10.68
C GLY B 234 3.09 15.74 10.62
N GLN B 235 2.69 14.75 9.83
CA GLN B 235 3.45 13.51 9.72
C GLN B 235 4.17 13.41 8.37
N ASP B 236 5.21 12.60 8.34
CA ASP B 236 6.00 12.39 7.13
C ASP B 236 6.68 11.03 7.13
N VAL B 237 6.76 10.41 5.97
CA VAL B 237 7.47 9.15 5.83
C VAL B 237 8.60 9.30 4.80
N VAL B 238 9.79 8.86 5.18
CA VAL B 238 10.96 8.98 4.32
C VAL B 238 11.40 7.60 3.82
N GLY B 239 11.62 7.49 2.52
CA GLY B 239 12.09 6.24 1.95
C GLY B 239 12.61 6.42 0.54
N ILE B 240 13.06 5.34 -0.08
CA ILE B 240 13.50 5.37 -1.47
C ILE B 240 12.33 5.05 -2.38
N ALA B 241 12.02 5.95 -3.29
CA ALA B 241 10.96 5.71 -4.26
C ALA B 241 11.41 4.66 -5.26
N ARG B 242 10.87 3.45 -5.13
CA ARG B 242 11.30 2.32 -5.95
C ARG B 242 10.49 2.19 -7.23
N ASP B 243 9.17 2.34 -7.13
CA ASP B 243 8.31 2.09 -8.28
C ASP B 243 6.92 2.71 -8.15
N ILE B 244 6.16 2.64 -9.23
CA ILE B 244 4.76 3.01 -9.24
C ILE B 244 3.93 1.77 -9.59
N ASP B 245 3.07 1.34 -8.68
CA ASP B 245 2.26 0.15 -8.93
C ASP B 245 1.11 0.49 -9.87
N ASP B 246 0.41 -0.53 -10.35
CA ASP B 246 -0.88 -0.32 -10.97
C ASP B 246 -1.76 0.25 -9.87
N GLN B 247 -2.65 1.18 -10.24
CA GLN B 247 -3.38 2.12 -9.37
C GLN B 247 -2.63 3.45 -9.30
N GLY B 248 -1.38 3.44 -9.73
CA GLY B 248 -0.59 4.65 -9.80
C GLY B 248 -0.15 5.18 -8.44
N ARG B 249 0.05 4.27 -7.49
CA ARG B 249 0.49 4.66 -6.15
C ARG B 249 2.01 4.55 -6.02
N LEU B 250 2.58 5.38 -5.14
CA LEU B 250 4.02 5.42 -4.95
C LEU B 250 4.50 4.31 -4.02
N CYS B 251 5.45 3.51 -4.48
CA CYS B 251 6.00 2.42 -3.68
C CYS B 251 7.35 2.81 -3.08
N LEU B 252 7.41 2.81 -1.75
CA LEU B 252 8.63 3.23 -1.07
C LEU B 252 9.36 2.07 -0.42
N ASP B 253 10.69 2.13 -0.44
CA ASP B 253 11.49 1.27 0.40
C ASP B 253 11.73 1.99 1.72
N VAL B 254 11.10 1.50 2.77
CA VAL B 254 11.32 2.04 4.11
C VAL B 254 11.91 0.98 5.02
N GLY B 255 13.21 1.12 5.32
CA GLY B 255 13.91 0.17 6.16
C GLY B 255 14.04 -1.21 5.55
N GLY B 256 13.92 -1.29 4.23
CA GLY B 256 14.05 -2.55 3.53
C GLY B 256 12.71 -3.19 3.18
N ARG B 257 11.62 -2.56 3.61
CA ARG B 257 10.28 -3.07 3.34
C ARG B 257 9.43 -2.06 2.58
N THR B 258 8.37 -2.54 1.96
CA THR B 258 7.54 -1.70 1.09
C THR B 258 6.47 -0.93 1.85
N VAL B 259 6.38 0.36 1.58
CA VAL B 259 5.29 1.20 2.05
C VAL B 259 4.63 1.89 0.87
N VAL B 260 3.34 1.66 0.69
CA VAL B 260 2.62 2.21 -0.46
C VAL B 260 1.80 3.45 -0.06
N VAL B 261 2.00 4.53 -0.80
CA VAL B 261 1.27 5.77 -0.55
C VAL B 261 0.33 6.09 -1.72
N SER B 262 -0.95 6.29 -1.41
CA SER B 262 -1.95 6.60 -2.43
C SER B 262 -1.82 8.04 -2.91
N ALA B 263 -1.67 8.96 -1.97
CA ALA B 263 -1.53 10.38 -2.29
C ALA B 263 -0.76 11.10 -1.19
N GLY B 264 -0.14 12.21 -1.55
CA GLY B 264 0.64 12.99 -0.61
C GLY B 264 1.61 13.91 -1.31
N ASP B 265 2.18 14.85 -0.57
CA ASP B 265 3.12 15.80 -1.15
C ASP B 265 4.56 15.30 -1.02
N VAL B 266 5.21 15.12 -2.17
CA VAL B 266 6.55 14.59 -2.21
C VAL B 266 7.61 15.69 -2.33
N VAL B 267 8.65 15.60 -1.51
CA VAL B 267 9.81 16.45 -1.66
C VAL B 267 11.05 15.58 -1.91
N HIS B 268 11.71 15.81 -3.03
CA HIS B 268 12.91 15.06 -3.38
C HIS B 268 14.08 15.47 -2.50
N LEU B 269 14.58 14.52 -1.72
CA LEU B 269 15.70 14.77 -0.82
C LEU B 269 17.02 14.66 -1.57
N ARG B 270 17.29 15.65 -2.41
CA ARG B 270 18.51 15.68 -3.23
C ARG B 270 19.20 17.04 -3.13
#